data_4K7A
#
_entry.id   4K7A
#
_cell.length_a   55.429
_cell.length_b   65.541
_cell.length_c   70.384
_cell.angle_alpha   90.00
_cell.angle_beta   90.00
_cell.angle_gamma   90.00
#
_symmetry.space_group_name_H-M   'P 21 21 21'
#
loop_
_entity.id
_entity.type
_entity.pdbx_description
1 polymer 'Androgen receptor'
2 non-polymer 5-ALPHA-DIHYDROTESTOSTERONE
3 non-polymer '6-PIPERIDIN-1-YLPYRIMIDINE-2,4-DIAMINE 3-OXIDE'
4 water water
#
_entity_poly.entity_id   1
_entity_poly.type   'polypeptide(L)'
_entity_poly.pdbx_seq_one_letter_code
;QPIFLNVLEAIEPGVVCAGHDNNQPDSFAALLSSLNELGERQLVHVVKWAKALPGFRNLHVDDQMAVIQYSWMGLMVFAM
GWRSFTNVNSAMLYFAPDLVFNEYRMHKSRMYSQCVRMRHLSQEFGWLQITPQEFLCMKALLLFSIIPVDGLKNQKFFDE
LRMNYIKELDRIIACKRKNPTSCSRRFYQLTKLLDSVQPIARELHQFTFDLLIKSHMVSVDFPEMMAEIISVQVPKILSG
KVKPIYFHT
;
_entity_poly.pdbx_strand_id   A
#
loop_
_chem_comp.id
_chem_comp.type
_chem_comp.name
_chem_comp.formula
DHT non-polymer 5-ALPHA-DIHYDROTESTOSTERONE 'C19 H30 O2'
MXD non-polymer '6-PIPERIDIN-1-YLPYRIMIDINE-2,4-DIAMINE 3-OXIDE' 'C9 H15 N5 O'
#
# COMPACT_ATOMS: atom_id res chain seq x y z
N GLN A 1 -5.41 13.49 20.36
CA GLN A 1 -6.15 12.99 21.56
C GLN A 1 -5.36 11.92 22.35
N PRO A 2 -5.34 10.66 21.86
CA PRO A 2 -4.58 9.71 22.64
C PRO A 2 -3.13 9.80 22.23
N ILE A 3 -2.32 8.98 22.88
CA ILE A 3 -0.95 8.79 22.50
C ILE A 3 -0.91 8.15 21.09
N PHE A 4 -1.90 7.29 20.83
CA PHE A 4 -1.94 6.53 19.59
C PHE A 4 -2.04 7.40 18.36
N LEU A 5 -2.98 8.34 18.39
CA LEU A 5 -3.18 9.22 17.25
C LEU A 5 -2.01 10.15 17.10
N ASN A 6 -1.60 10.75 18.22
CA ASN A 6 -0.35 11.52 18.30
C ASN A 6 0.78 10.90 17.50
N VAL A 7 1.03 9.62 17.74
CA VAL A 7 2.14 8.90 17.11
C VAL A 7 1.95 8.69 15.63
N LEU A 8 0.80 8.19 15.22
CA LEU A 8 0.54 8.00 13.79
C LEU A 8 0.76 9.31 12.98
N GLU A 9 0.25 10.45 13.51
CA GLU A 9 0.47 11.79 12.92
C GLU A 9 1.98 12.12 12.89
N ALA A 10 2.65 11.96 14.03
CA ALA A 10 4.07 12.25 14.17
C ALA A 10 4.92 11.50 13.15
N ILE A 11 4.61 10.23 12.92
CA ILE A 11 5.47 9.36 12.10
C ILE A 11 5.05 9.24 10.65
N GLU A 12 4.04 9.99 10.22
CA GLU A 12 3.55 9.85 8.85
C GLU A 12 4.59 10.41 7.88
N PRO A 13 5.08 9.56 6.93
CA PRO A 13 6.15 9.96 6.01
C PRO A 13 5.77 11.20 5.22
N GLY A 14 6.70 12.08 4.89
CA GLY A 14 6.35 13.20 4.04
C GLY A 14 6.38 12.88 2.55
N VAL A 15 6.37 13.92 1.73
CA VAL A 15 6.47 13.89 0.27
C VAL A 15 7.66 13.11 -0.25
N VAL A 16 7.40 12.17 -1.15
CA VAL A 16 8.43 11.45 -1.88
C VAL A 16 8.24 11.66 -3.40
N CYS A 17 9.23 12.24 -4.05
CA CYS A 17 9.16 12.39 -5.48
C CYS A 17 9.72 11.15 -6.18
N ALA A 18 9.42 11.02 -7.46
CA ALA A 18 9.70 9.81 -8.24
C ALA A 18 10.96 9.89 -9.04
N GLY A 19 11.40 11.12 -9.34
CA GLY A 19 12.57 11.37 -10.18
C GLY A 19 12.20 11.32 -11.66
N HIS A 20 10.91 11.27 -11.96
CA HIS A 20 10.44 11.11 -13.33
C HIS A 20 10.80 12.29 -14.25
N ASP A 21 11.30 11.98 -15.44
CA ASP A 21 11.56 13.06 -16.41
C ASP A 21 10.27 13.41 -17.18
N ASN A 22 9.62 14.48 -16.76
CA ASN A 22 8.34 14.89 -17.35
C ASN A 22 8.45 15.58 -18.75
N ASN A 23 9.66 15.80 -19.22
CA ASN A 23 9.86 16.35 -20.56
C ASN A 23 9.82 15.26 -21.63
N GLN A 24 10.28 14.06 -21.28
CA GLN A 24 10.29 12.95 -22.22
C GLN A 24 8.85 12.47 -22.41
N PRO A 25 8.53 11.89 -23.60
CA PRO A 25 7.16 11.47 -23.86
C PRO A 25 6.77 10.29 -23.01
N ASP A 26 5.47 10.08 -22.88
CA ASP A 26 4.98 8.91 -22.18
C ASP A 26 5.24 7.62 -22.93
N SER A 27 5.72 6.63 -22.20
CA SER A 27 6.11 5.37 -22.77
C SER A 27 6.04 4.42 -21.61
N PHE A 28 5.62 3.19 -21.92
CA PHE A 28 5.62 2.11 -20.95
C PHE A 28 6.94 2.07 -20.17
N ALA A 29 8.07 2.19 -20.85
CA ALA A 29 9.38 2.01 -20.19
C ALA A 29 9.70 3.15 -19.25
N ALA A 30 9.46 4.38 -19.70
CA ALA A 30 9.70 5.57 -18.88
C ALA A 30 8.82 5.55 -17.62
N LEU A 31 7.52 5.37 -17.83
CA LEU A 31 6.55 5.42 -16.73
C LEU A 31 6.83 4.30 -15.70
N LEU A 32 6.94 3.08 -16.20
CA LEU A 32 7.12 1.94 -15.32
C LEU A 32 8.47 1.99 -14.62
N SER A 33 9.49 2.51 -15.31
CA SER A 33 10.77 2.68 -14.66
C SER A 33 10.71 3.73 -13.55
N SER A 34 9.95 4.82 -13.78
CA SER A 34 9.79 5.85 -12.77
C SER A 34 8.97 5.33 -11.59
N LEU A 35 7.89 4.60 -11.90
CA LEU A 35 7.09 3.92 -10.86
C LEU A 35 7.92 3.00 -9.96
N ASN A 36 8.75 2.14 -10.60
CA ASN A 36 9.64 1.19 -9.91
C ASN A 36 10.60 1.92 -8.99
N GLU A 37 11.15 3.02 -9.49
CA GLU A 37 11.99 3.94 -8.71
C GLU A 37 11.27 4.65 -7.54
N LEU A 38 10.02 5.08 -7.78
CA LEU A 38 9.21 5.62 -6.72
C LEU A 38 8.98 4.50 -5.70
N GLY A 39 8.89 3.26 -6.19
CA GLY A 39 8.63 2.14 -5.30
C GLY A 39 9.78 1.96 -4.31
N GLU A 40 10.98 2.03 -4.82
CA GLU A 40 12.20 1.89 -4.04
C GLU A 40 12.29 3.05 -3.06
N ARG A 41 11.96 4.24 -3.51
CA ARG A 41 12.06 5.38 -2.63
C ARG A 41 11.09 5.25 -1.47
N GLN A 42 9.85 4.90 -1.77
CA GLN A 42 8.82 4.77 -0.73
C GLN A 42 9.05 3.59 0.18
N LEU A 43 9.68 2.55 -0.36
CA LEU A 43 10.05 1.41 0.45
C LEU A 43 10.91 1.83 1.63
N VAL A 44 12.01 2.54 1.34
CA VAL A 44 12.85 3.17 2.39
C VAL A 44 12.01 3.84 3.49
N HIS A 45 11.04 4.68 3.11
CA HIS A 45 10.18 5.35 4.10
C HIS A 45 9.20 4.38 4.79
N VAL A 46 8.61 3.46 4.06
CA VAL A 46 7.69 2.49 4.71
C VAL A 46 8.40 1.69 5.81
N VAL A 47 9.61 1.20 5.51
CA VAL A 47 10.41 0.54 6.53
C VAL A 47 10.52 1.41 7.79
N LYS A 48 10.86 2.68 7.61
CA LYS A 48 11.05 3.57 8.76
C LYS A 48 9.75 3.90 9.50
N TRP A 49 8.70 4.28 8.76
CA TRP A 49 7.33 4.34 9.28
C TRP A 49 6.99 3.09 10.09
N ALA A 50 6.91 1.93 9.43
CA ALA A 50 6.62 0.65 10.10
C ALA A 50 7.37 0.48 11.41
N LYS A 51 8.67 0.74 11.37
CA LYS A 51 9.48 0.49 12.55
C LYS A 51 9.16 1.41 13.72
N ALA A 52 8.64 2.60 13.42
CA ALA A 52 8.31 3.56 14.47
C ALA A 52 6.88 3.44 14.98
N LEU A 53 6.22 2.34 14.66
CA LEU A 53 4.79 2.18 14.90
C LEU A 53 4.55 1.62 16.32
N PRO A 54 3.56 2.16 17.07
CA PRO A 54 3.41 1.57 18.39
C PRO A 54 3.33 0.03 18.35
N GLY A 55 4.07 -0.62 19.22
CA GLY A 55 3.94 -2.06 19.43
C GLY A 55 4.75 -2.86 18.44
N PHE A 56 5.27 -2.19 17.41
CA PHE A 56 5.88 -2.90 16.28
C PHE A 56 7.06 -3.74 16.73
N ARG A 57 7.85 -3.21 17.67
CA ARG A 57 9.07 -3.90 18.13
C ARG A 57 8.73 -5.12 18.99
N ASN A 58 7.44 -5.38 19.21
CA ASN A 58 6.96 -6.57 19.92
C ASN A 58 7.16 -7.77 19.05
N LEU A 59 7.04 -7.58 17.75
CA LEU A 59 7.16 -8.67 16.78
C LEU A 59 8.57 -9.20 16.75
N HIS A 60 8.69 -10.50 16.59
CA HIS A 60 9.97 -11.10 16.29
C HIS A 60 10.61 -10.47 15.04
N VAL A 61 11.93 -10.26 15.12
CA VAL A 61 12.73 -9.66 14.04
C VAL A 61 12.45 -10.22 12.65
N ASP A 62 12.26 -11.54 12.56
CA ASP A 62 11.95 -12.16 11.27
C ASP A 62 10.61 -11.64 10.76
N ASP A 63 9.64 -11.55 11.68
CA ASP A 63 8.27 -11.13 11.41
C ASP A 63 8.18 -9.63 11.12
N GLN A 64 9.06 -8.86 11.74
CA GLN A 64 9.18 -7.45 11.44
C GLN A 64 9.44 -7.20 9.96
N MET A 65 10.44 -7.87 9.37
CA MET A 65 10.68 -7.68 7.93
C MET A 65 9.63 -8.36 7.06
N ALA A 66 9.22 -9.56 7.45
CA ALA A 66 8.25 -10.29 6.65
C ALA A 66 6.99 -9.44 6.41
N VAL A 67 6.39 -9.01 7.51
CA VAL A 67 5.17 -8.21 7.53
C VAL A 67 5.25 -7.01 6.58
N ILE A 68 6.31 -6.21 6.67
CA ILE A 68 6.59 -5.10 5.72
C ILE A 68 6.68 -5.58 4.24
N GLN A 69 7.43 -6.67 4.07
CA GLN A 69 7.77 -7.23 2.77
C GLN A 69 6.54 -7.73 2.04
N TYR A 70 5.54 -8.16 2.80
CA TYR A 70 4.30 -8.66 2.25
C TYR A 70 3.30 -7.52 2.08
N SER A 71 3.29 -6.56 3.01
CA SER A 71 2.25 -5.53 2.96
C SER A 71 2.51 -4.23 2.15
N TRP A 72 3.75 -3.98 1.71
CA TRP A 72 4.07 -2.71 1.03
C TRP A 72 3.14 -2.31 -0.13
N MET A 73 2.87 -3.22 -1.05
CA MET A 73 1.96 -2.89 -2.16
C MET A 73 0.64 -2.20 -1.70
N GLY A 74 0.02 -2.76 -0.66
CA GLY A 74 -1.28 -2.23 -0.21
C GLY A 74 -1.17 -0.89 0.47
N LEU A 75 -0.20 -0.79 1.38
CA LEU A 75 0.13 0.47 2.06
C LEU A 75 0.40 1.56 1.09
N MET A 76 1.18 1.22 0.06
CA MET A 76 1.53 2.22 -0.96
C MET A 76 0.34 2.62 -1.83
N VAL A 77 -0.45 1.63 -2.26
CA VAL A 77 -1.68 1.92 -3.01
C VAL A 77 -2.60 2.76 -2.13
N PHE A 78 -2.75 2.34 -0.87
CA PHE A 78 -3.69 3.00 0.03
C PHE A 78 -3.29 4.45 0.20
N ALA A 79 -2.03 4.66 0.63
CA ALA A 79 -1.49 6.00 0.80
C ALA A 79 -1.61 6.81 -0.47
N MET A 80 -1.21 6.23 -1.60
CA MET A 80 -1.37 6.93 -2.88
C MET A 80 -2.83 7.33 -3.14
N GLY A 81 -3.78 6.46 -2.78
CA GLY A 81 -5.20 6.72 -3.06
C GLY A 81 -5.71 7.93 -2.30
N TRP A 82 -5.09 8.16 -1.14
CA TRP A 82 -5.43 9.26 -0.25
C TRP A 82 -4.80 10.54 -0.78
N ARG A 83 -3.56 10.43 -1.27
CA ARG A 83 -2.90 11.59 -1.88
C ARG A 83 -3.74 12.03 -3.07
N SER A 84 -4.12 11.05 -3.89
CA SER A 84 -4.97 11.33 -5.03
C SER A 84 -6.27 11.98 -4.58
N PHE A 85 -6.72 11.63 -3.38
CA PHE A 85 -7.89 12.26 -2.84
C PHE A 85 -7.68 13.72 -2.42
N THR A 86 -6.74 13.95 -1.51
CA THR A 86 -6.56 15.25 -0.95
C THR A 86 -6.04 16.26 -1.97
N ASN A 87 -5.07 15.86 -2.78
CA ASN A 87 -4.46 16.74 -3.80
C ASN A 87 -5.28 17.03 -5.07
N VAL A 88 -6.09 16.08 -5.52
CA VAL A 88 -6.74 16.29 -6.80
C VAL A 88 -8.15 15.71 -6.79
N ASN A 89 -8.71 15.52 -5.62
CA ASN A 89 -10.05 14.94 -5.49
C ASN A 89 -10.27 13.78 -6.40
N SER A 90 -9.26 12.93 -6.50
CA SER A 90 -9.38 11.64 -7.20
C SER A 90 -9.60 11.72 -8.72
N ALA A 91 -9.43 12.89 -9.34
CA ALA A 91 -9.50 13.04 -10.81
C ALA A 91 -8.30 12.37 -11.53
N MET A 92 -7.16 12.29 -10.84
CA MET A 92 -5.98 11.60 -11.35
C MET A 92 -5.29 10.83 -10.23
N LEU A 93 -4.40 9.89 -10.60
CA LEU A 93 -3.55 9.23 -9.58
C LEU A 93 -2.28 10.05 -9.27
N TYR A 94 -2.20 10.51 -8.02
CA TYR A 94 -1.09 11.33 -7.53
C TYR A 94 -0.11 10.40 -6.90
N PHE A 95 0.64 9.69 -7.75
CA PHE A 95 1.67 8.82 -7.30
C PHE A 95 2.72 9.64 -6.51
N ALA A 96 3.13 10.77 -7.10
CA ALA A 96 4.15 11.67 -6.50
C ALA A 96 3.94 13.01 -7.17
N PRO A 97 4.56 14.08 -6.63
CA PRO A 97 4.26 15.39 -7.25
C PRO A 97 4.81 15.45 -8.66
N ASP A 98 5.86 14.67 -8.94
CA ASP A 98 6.42 14.60 -10.28
C ASP A 98 5.95 13.39 -11.09
N LEU A 99 4.93 12.71 -10.60
CA LEU A 99 4.37 11.56 -11.36
C LEU A 99 2.88 11.43 -11.10
N VAL A 100 2.13 12.35 -11.72
CA VAL A 100 0.68 12.31 -11.63
C VAL A 100 0.13 11.69 -12.92
N PHE A 101 -0.71 10.66 -12.77
CA PHE A 101 -1.24 9.93 -13.91
C PHE A 101 -2.56 10.48 -14.31
N ASN A 102 -2.58 11.03 -15.51
CA ASN A 102 -3.84 11.29 -16.18
C ASN A 102 -4.21 10.05 -17.01
N GLU A 103 -5.44 10.03 -17.55
CA GLU A 103 -5.98 8.90 -18.33
C GLU A 103 -5.02 8.41 -19.39
N TYR A 104 -4.31 9.36 -19.99
CA TYR A 104 -3.41 9.00 -21.03
C TYR A 104 -2.27 8.16 -20.44
N ARG A 105 -1.73 8.57 -19.29
CA ARG A 105 -0.70 7.76 -18.66
C ARG A 105 -1.31 6.44 -18.17
N MET A 106 -2.50 6.48 -17.58
CA MET A 106 -3.21 5.21 -17.23
C MET A 106 -3.14 4.14 -18.34
N HIS A 107 -3.50 4.54 -19.55
CA HIS A 107 -3.39 3.69 -20.72
C HIS A 107 -1.95 3.44 -21.20
N LYS A 108 -1.07 4.45 -21.15
CA LYS A 108 0.29 4.22 -21.63
C LYS A 108 1.15 3.30 -20.74
N SER A 109 0.76 3.19 -19.47
CA SER A 109 1.45 2.30 -18.49
C SER A 109 1.08 0.84 -18.63
N ARG A 110 0.05 0.57 -19.47
CA ARG A 110 -0.54 -0.76 -19.71
C ARG A 110 -1.23 -1.33 -18.48
N MET A 111 -1.72 -0.44 -17.60
CA MET A 111 -2.28 -0.82 -16.30
C MET A 111 -3.60 -0.15 -16.10
N TYR A 112 -4.29 0.11 -17.22
CA TYR A 112 -5.45 0.97 -17.15
C TYR A 112 -6.46 0.43 -16.14
N SER A 113 -6.82 -0.85 -16.26
CA SER A 113 -7.79 -1.47 -15.35
C SER A 113 -7.35 -1.30 -13.90
N GLN A 114 -6.11 -1.69 -13.61
CA GLN A 114 -5.58 -1.55 -12.25
C GLN A 114 -5.69 -0.11 -11.77
N CYS A 115 -5.42 0.79 -12.70
CA CYS A 115 -5.46 2.23 -12.43
C CYS A 115 -6.82 2.77 -12.08
N VAL A 116 -7.81 2.33 -12.85
CA VAL A 116 -9.23 2.62 -12.63
C VAL A 116 -9.66 2.06 -11.28
N ARG A 117 -9.24 0.83 -10.99
CA ARG A 117 -9.42 0.29 -9.62
C ARG A 117 -8.90 1.24 -8.50
N MET A 118 -7.66 1.74 -8.66
CA MET A 118 -7.09 2.67 -7.64
C MET A 118 -7.81 4.02 -7.60
N ARG A 119 -8.20 4.53 -8.77
CA ARG A 119 -8.95 5.78 -8.86
C ARG A 119 -10.27 5.65 -8.05
N HIS A 120 -11.02 4.58 -8.33
CA HIS A 120 -12.20 4.18 -7.57
C HIS A 120 -11.97 4.14 -6.04
N LEU A 121 -10.96 3.38 -5.60
CA LEU A 121 -10.47 3.43 -4.20
C LEU A 121 -10.29 4.89 -3.73
N SER A 122 -9.62 5.68 -4.55
CA SER A 122 -9.38 7.07 -4.19
C SER A 122 -10.69 7.83 -3.98
N GLN A 123 -11.66 7.56 -4.87
CA GLN A 123 -13.01 8.15 -4.80
C GLN A 123 -13.69 7.75 -3.54
N GLU A 124 -13.54 6.48 -3.18
CA GLU A 124 -14.05 6.03 -1.88
C GLU A 124 -13.67 6.90 -0.68
N PHE A 125 -12.48 7.50 -0.65
CA PHE A 125 -12.14 8.40 0.46
C PHE A 125 -13.11 9.56 0.48
N GLY A 126 -13.60 9.96 -0.70
CA GLY A 126 -14.57 11.06 -0.84
C GLY A 126 -15.99 10.63 -0.49
N TRP A 127 -16.47 9.64 -1.24
CA TRP A 127 -17.78 9.02 -1.05
C TRP A 127 -18.07 8.66 0.42
N LEU A 128 -17.06 8.25 1.19
CA LEU A 128 -17.27 7.90 2.61
C LEU A 128 -16.87 8.99 3.59
N GLN A 129 -16.40 10.13 3.07
CA GLN A 129 -15.88 11.20 3.96
C GLN A 129 -14.91 10.63 5.01
N ILE A 130 -13.91 9.87 4.58
CA ILE A 130 -12.91 9.32 5.50
C ILE A 130 -12.13 10.48 6.18
N THR A 131 -12.06 10.46 7.50
CA THR A 131 -11.30 11.50 8.21
C THR A 131 -9.83 11.18 8.15
N PRO A 132 -8.96 12.23 8.22
CA PRO A 132 -7.52 12.01 8.23
C PRO A 132 -7.11 10.99 9.27
N GLN A 133 -7.85 10.91 10.36
CA GLN A 133 -7.48 10.02 11.45
C GLN A 133 -7.95 8.60 11.15
N GLU A 134 -9.12 8.47 10.54
CA GLU A 134 -9.59 7.17 10.04
C GLU A 134 -8.50 6.64 9.10
N PHE A 135 -8.08 7.45 8.13
CA PHE A 135 -7.04 7.07 7.17
C PHE A 135 -5.77 6.48 7.83
N LEU A 136 -5.23 7.19 8.82
CA LEU A 136 -3.97 6.80 9.44
C LEU A 136 -4.07 5.44 10.18
N CYS A 137 -5.18 5.24 10.89
CA CYS A 137 -5.43 3.95 11.59
C CYS A 137 -5.66 2.80 10.60
N MET A 138 -6.43 3.10 9.56
CA MET A 138 -6.62 2.15 8.50
C MET A 138 -5.27 1.70 7.88
N LYS A 139 -4.47 2.67 7.41
CA LYS A 139 -3.12 2.39 6.86
C LYS A 139 -2.22 1.64 7.83
N ALA A 140 -2.28 1.99 9.11
CA ALA A 140 -1.58 1.23 10.16
C ALA A 140 -2.00 -0.22 10.09
N LEU A 141 -3.33 -0.45 10.09
CA LEU A 141 -3.91 -1.80 10.00
C LEU A 141 -3.50 -2.58 8.76
N LEU A 142 -3.35 -1.88 7.65
CA LEU A 142 -2.95 -2.55 6.44
C LEU A 142 -1.66 -3.33 6.63
N LEU A 143 -0.65 -2.76 7.33
CA LEU A 143 0.62 -3.47 7.59
C LEU A 143 0.44 -4.84 8.28
N PHE A 144 -0.61 -5.00 9.05
CA PHE A 144 -0.92 -6.26 9.73
C PHE A 144 -2.00 -7.03 9.02
N SER A 145 -2.12 -6.84 7.70
CA SER A 145 -3.21 -7.47 6.96
C SER A 145 -2.81 -8.54 5.94
N ILE A 146 -1.56 -8.98 5.95
CA ILE A 146 -1.19 -10.10 5.11
C ILE A 146 -0.07 -10.94 5.67
N ILE A 147 -0.30 -12.25 5.69
CA ILE A 147 0.55 -13.18 6.43
C ILE A 147 0.67 -14.58 5.79
N PRO A 148 1.80 -15.29 6.07
CA PRO A 148 1.95 -16.64 5.58
C PRO A 148 0.83 -17.48 6.15
N VAL A 149 0.35 -18.41 5.34
CA VAL A 149 -0.73 -19.31 5.74
C VAL A 149 -0.27 -20.19 6.92
N ASP A 150 1.05 -20.46 6.99
CA ASP A 150 1.76 -21.14 8.08
C ASP A 150 1.85 -20.33 9.37
N GLY A 151 1.22 -19.15 9.39
CA GLY A 151 1.47 -18.18 10.46
C GLY A 151 2.92 -17.69 10.53
N LEU A 152 3.21 -16.83 11.49
CA LEU A 152 4.52 -16.21 11.56
C LEU A 152 5.46 -16.97 12.50
N LYS A 153 6.73 -16.51 12.56
CA LYS A 153 7.64 -17.00 13.58
C LYS A 153 6.97 -16.91 14.98
N ASN A 154 6.49 -15.74 15.36
CA ASN A 154 5.72 -15.57 16.61
C ASN A 154 4.28 -15.09 16.34
N GLN A 155 3.39 -16.01 15.98
CA GLN A 155 2.00 -15.67 15.69
C GLN A 155 1.26 -14.87 16.79
N LYS A 156 1.55 -15.13 18.07
CA LYS A 156 0.80 -14.51 19.16
C LYS A 156 1.05 -13.02 19.30
N PHE A 157 2.28 -12.58 19.10
CA PHE A 157 2.64 -11.18 19.14
C PHE A 157 1.93 -10.42 18.01
N PHE A 158 1.94 -10.99 16.81
CA PHE A 158 1.21 -10.43 15.69
C PHE A 158 -0.29 -10.27 15.95
N ASP A 159 -0.94 -11.32 16.46
CA ASP A 159 -2.38 -11.26 16.74
C ASP A 159 -2.72 -10.17 17.71
N GLU A 160 -1.89 -10.01 18.71
CA GLU A 160 -2.07 -8.99 19.74
C GLU A 160 -1.97 -7.60 19.14
N LEU A 161 -0.95 -7.41 18.33
CA LEU A 161 -0.76 -6.16 17.63
C LEU A 161 -1.97 -5.88 16.74
N ARG A 162 -2.29 -6.83 15.89
CA ARG A 162 -3.42 -6.69 14.98
C ARG A 162 -4.75 -6.41 15.71
N MET A 163 -4.96 -7.09 16.84
CA MET A 163 -6.15 -6.88 17.67
C MET A 163 -6.28 -5.45 18.17
N ASN A 164 -5.16 -4.87 18.63
CA ASN A 164 -5.15 -3.53 19.17
C ASN A 164 -5.27 -2.43 18.13
N TYR A 165 -4.74 -2.66 16.93
CA TYR A 165 -4.95 -1.75 15.83
C TYR A 165 -6.39 -1.75 15.35
N ILE A 166 -7.06 -2.90 15.48
CA ILE A 166 -8.48 -2.95 15.18
C ILE A 166 -9.20 -2.16 16.25
N LYS A 167 -8.86 -2.41 17.53
CA LYS A 167 -9.50 -1.73 18.63
C LYS A 167 -9.39 -0.22 18.45
N GLU A 168 -8.20 0.28 18.11
CA GLU A 168 -7.97 1.72 17.87
C GLU A 168 -8.82 2.30 16.73
N LEU A 169 -8.83 1.63 15.58
CA LEU A 169 -9.76 1.96 14.51
C LEU A 169 -11.18 2.12 15.04
N ASP A 170 -11.57 1.18 15.89
CA ASP A 170 -12.89 1.16 16.44
C ASP A 170 -13.08 2.34 17.40
N ARG A 171 -12.09 2.59 18.25
CA ARG A 171 -12.12 3.72 19.18
C ARG A 171 -12.22 5.08 18.46
N ILE A 172 -11.70 5.17 17.24
CA ILE A 172 -11.73 6.45 16.54
C ILE A 172 -12.92 6.60 15.61
N ILE A 173 -13.56 5.48 15.28
CA ILE A 173 -14.95 5.55 14.83
C ILE A 173 -15.81 6.00 16.05
N ALA A 174 -15.40 5.55 17.26
CA ALA A 174 -16.05 5.92 18.52
C ALA A 174 -15.50 7.23 19.10
N SER A 182 -25.34 1.45 11.96
CA SER A 182 -25.52 2.72 12.64
C SER A 182 -24.37 2.98 13.61
N CYS A 183 -23.37 3.75 13.13
CA CYS A 183 -22.06 3.95 13.81
C CYS A 183 -21.28 2.62 13.80
N SER A 184 -21.59 1.82 12.80
CA SER A 184 -21.35 0.40 12.84
C SER A 184 -21.60 -0.06 11.42
N ARG A 185 -22.48 0.65 10.73
CA ARG A 185 -22.38 0.69 9.28
C ARG A 185 -20.98 1.28 9.00
N ARG A 186 -20.58 2.27 9.82
CA ARG A 186 -19.27 2.91 9.63
C ARG A 186 -18.18 1.86 9.61
N PHE A 187 -18.15 1.08 10.70
CA PHE A 187 -17.19 0.02 10.82
C PHE A 187 -17.28 -0.99 9.68
N TYR A 188 -18.50 -1.41 9.34
CA TYR A 188 -18.66 -2.36 8.23
C TYR A 188 -17.96 -1.78 7.01
N GLN A 189 -18.17 -0.49 6.78
CA GLN A 189 -17.78 0.13 5.52
C GLN A 189 -16.30 0.25 5.42
N LEU A 190 -15.70 0.76 6.51
CA LEU A 190 -14.27 0.94 6.55
C LEU A 190 -13.54 -0.40 6.41
N THR A 191 -14.04 -1.41 7.12
CA THR A 191 -13.52 -2.79 7.01
C THR A 191 -13.70 -3.35 5.61
N LYS A 192 -14.78 -2.91 4.97
CA LYS A 192 -15.06 -3.32 3.62
C LYS A 192 -14.07 -2.54 2.70
N LEU A 193 -13.92 -1.25 2.94
CA LEU A 193 -12.86 -0.44 2.25
C LEU A 193 -11.45 -1.07 2.34
N LEU A 194 -11.06 -1.46 3.55
CA LEU A 194 -9.81 -2.14 3.77
C LEU A 194 -9.68 -3.43 2.97
N ASP A 195 -10.75 -4.22 2.89
CA ASP A 195 -10.71 -5.46 2.09
C ASP A 195 -10.55 -5.23 0.62
N SER A 196 -10.98 -4.07 0.18
CA SER A 196 -10.96 -3.77 -1.24
C SER A 196 -9.57 -3.42 -1.72
N VAL A 197 -8.66 -3.13 -0.79
CA VAL A 197 -7.26 -2.84 -1.12
C VAL A 197 -6.57 -4.12 -1.62
N GLN A 198 -7.00 -5.25 -1.08
CA GLN A 198 -6.31 -6.51 -1.26
C GLN A 198 -6.38 -7.09 -2.68
N PRO A 199 -7.60 -7.10 -3.31
CA PRO A 199 -7.71 -7.59 -4.70
C PRO A 199 -6.95 -6.68 -5.64
N ILE A 200 -6.96 -5.40 -5.33
CA ILE A 200 -6.12 -4.43 -6.03
C ILE A 200 -4.64 -4.76 -5.95
N ALA A 201 -4.16 -5.10 -4.75
CA ALA A 201 -2.73 -5.29 -4.53
C ALA A 201 -2.33 -6.58 -5.21
N ARG A 202 -3.24 -7.56 -5.20
CA ARG A 202 -2.98 -8.80 -5.89
C ARG A 202 -2.80 -8.58 -7.41
N GLU A 203 -3.63 -7.74 -8.01
CA GLU A 203 -3.39 -7.42 -9.42
C GLU A 203 -2.01 -6.80 -9.67
N LEU A 204 -1.64 -5.86 -8.84
CA LEU A 204 -0.37 -5.19 -9.01
C LEU A 204 0.76 -6.17 -8.76
N HIS A 205 0.53 -7.10 -7.84
CA HIS A 205 1.49 -8.15 -7.58
C HIS A 205 1.78 -9.01 -8.82
N GLN A 206 0.73 -9.51 -9.49
CA GLN A 206 0.90 -10.33 -10.68
C GLN A 206 1.55 -9.48 -11.77
N PHE A 207 1.04 -8.26 -11.94
CA PHE A 207 1.59 -7.35 -12.94
C PHE A 207 3.10 -7.02 -12.75
N THR A 208 3.50 -6.61 -11.54
CA THR A 208 4.90 -6.23 -11.35
C THR A 208 5.81 -7.44 -11.56
N PHE A 209 5.28 -8.60 -11.21
CA PHE A 209 5.99 -9.85 -11.32
C PHE A 209 6.25 -10.20 -12.78
N ASP A 210 5.19 -10.22 -13.57
CA ASP A 210 5.33 -10.43 -15.01
C ASP A 210 6.31 -9.44 -15.62
N LEU A 211 6.17 -8.19 -15.18
CA LEU A 211 7.03 -7.14 -15.68
C LEU A 211 8.51 -7.42 -15.35
N LEU A 212 8.77 -7.87 -14.13
CA LEU A 212 10.16 -8.11 -13.73
C LEU A 212 10.75 -9.23 -14.60
N ILE A 213 9.90 -10.22 -14.90
CA ILE A 213 10.32 -11.41 -15.59
C ILE A 213 10.77 -11.06 -17.00
N LYS A 214 9.99 -10.24 -17.69
CA LYS A 214 10.33 -9.84 -19.06
C LYS A 214 11.01 -8.48 -19.10
N SER A 215 11.51 -8.01 -17.96
CA SER A 215 11.95 -6.63 -17.84
C SER A 215 13.06 -6.25 -18.82
N HIS A 216 13.88 -7.22 -19.24
CA HIS A 216 14.86 -6.98 -20.32
C HIS A 216 14.18 -6.75 -21.68
N MET A 217 13.16 -7.55 -21.97
CA MET A 217 12.45 -7.47 -23.25
C MET A 217 11.61 -6.20 -23.50
N VAL A 218 11.36 -5.41 -22.45
CA VAL A 218 10.61 -4.15 -22.57
C VAL A 218 11.43 -2.93 -22.15
N SER A 219 12.66 -3.16 -21.70
CA SER A 219 13.54 -2.10 -21.18
C SER A 219 12.90 -1.26 -20.07
N VAL A 220 12.13 -1.95 -19.21
CA VAL A 220 11.62 -1.41 -17.96
C VAL A 220 12.66 -1.72 -16.89
N ASP A 221 13.04 -0.72 -16.13
CA ASP A 221 14.16 -0.84 -15.22
C ASP A 221 13.75 -1.06 -13.75
N PHE A 222 14.30 -2.12 -13.13
CA PHE A 222 14.00 -2.45 -11.73
C PHE A 222 15.17 -2.17 -10.79
N PRO A 223 14.95 -1.41 -9.68
CA PRO A 223 16.02 -1.19 -8.71
C PRO A 223 16.28 -2.40 -7.80
N GLU A 224 17.41 -2.39 -7.11
CA GLU A 224 17.90 -3.56 -6.37
C GLU A 224 16.84 -4.16 -5.44
N MET A 225 16.36 -3.34 -4.52
CA MET A 225 15.45 -3.79 -3.48
C MET A 225 14.10 -4.25 -4.07
N MET A 226 13.63 -3.55 -5.11
CA MET A 226 12.40 -3.89 -5.80
C MET A 226 12.51 -5.27 -6.48
N ALA A 227 13.59 -5.49 -7.21
CA ALA A 227 13.83 -6.73 -7.91
C ALA A 227 13.82 -7.89 -6.93
N GLU A 228 14.54 -7.70 -5.82
CA GLU A 228 14.65 -8.75 -4.83
C GLU A 228 13.32 -9.12 -4.22
N ILE A 229 12.61 -8.13 -3.69
CA ILE A 229 11.32 -8.36 -3.05
C ILE A 229 10.33 -8.98 -4.01
N ILE A 230 10.27 -8.45 -5.23
CA ILE A 230 9.36 -8.96 -6.23
C ILE A 230 9.68 -10.39 -6.66
N SER A 231 10.90 -10.86 -6.47
CA SER A 231 11.28 -12.21 -6.95
C SER A 231 11.30 -13.21 -5.79
N VAL A 232 11.54 -12.69 -4.58
CA VAL A 232 11.64 -13.54 -3.41
C VAL A 232 10.34 -13.51 -2.61
N GLN A 233 9.67 -12.36 -2.52
CA GLN A 233 8.57 -12.29 -1.56
C GLN A 233 7.21 -12.34 -2.19
N VAL A 234 7.04 -11.56 -3.26
CA VAL A 234 5.82 -11.51 -4.06
C VAL A 234 5.35 -12.86 -4.59
N PRO A 235 6.30 -13.71 -5.10
CA PRO A 235 5.87 -15.07 -5.52
C PRO A 235 5.23 -15.92 -4.39
N LYS A 236 5.77 -15.84 -3.17
CA LYS A 236 5.07 -16.43 -2.01
C LYS A 236 3.58 -16.08 -1.94
N ILE A 237 3.25 -14.83 -2.27
CA ILE A 237 1.85 -14.38 -2.18
C ILE A 237 1.04 -15.02 -3.30
N LEU A 238 1.52 -14.87 -4.53
CA LEU A 238 0.86 -15.44 -5.72
C LEU A 238 0.84 -16.95 -5.76
N SER A 239 1.77 -17.63 -5.11
CA SER A 239 1.63 -19.08 -5.03
C SER A 239 0.68 -19.50 -3.90
N GLY A 240 0.12 -18.52 -3.17
CA GLY A 240 -0.86 -18.83 -2.11
C GLY A 240 -0.24 -19.13 -0.75
N LYS A 241 1.10 -19.08 -0.66
CA LYS A 241 1.81 -19.34 0.61
C LYS A 241 1.60 -18.26 1.68
N VAL A 242 1.24 -17.06 1.21
CA VAL A 242 1.05 -15.85 2.00
C VAL A 242 -0.27 -15.32 1.49
N LYS A 243 -1.20 -15.01 2.38
CA LYS A 243 -2.53 -14.55 1.99
C LYS A 243 -2.95 -13.34 2.78
N PRO A 244 -3.80 -12.49 2.21
CA PRO A 244 -4.33 -11.39 3.02
C PRO A 244 -5.29 -11.94 4.02
N ILE A 245 -5.41 -11.24 5.15
CA ILE A 245 -6.44 -11.47 6.15
C ILE A 245 -7.56 -10.51 5.75
N TYR A 246 -8.74 -11.04 5.42
CA TYR A 246 -9.89 -10.18 5.12
C TYR A 246 -10.75 -10.10 6.36
N PHE A 247 -11.45 -8.99 6.52
CA PHE A 247 -12.52 -8.94 7.48
C PHE A 247 -13.70 -9.80 7.05
N HIS A 248 -14.09 -9.68 5.79
CA HIS A 248 -15.33 -10.28 5.30
C HIS A 248 -14.97 -11.34 4.30
N THR A 249 -15.75 -12.41 4.30
CA THR A 249 -15.44 -13.52 3.40
C THR A 249 -15.93 -13.26 1.95
C1 DHT B . 4.84 2.91 -6.25
C2 DHT B . 4.48 3.97 -5.22
C3 DHT B . 3.00 4.36 -5.16
O3 DHT B . 2.74 5.53 -4.89
C4 DHT B . 1.90 3.33 -5.41
C5 DHT B . 2.35 2.48 -6.61
C6 DHT B . 1.27 1.50 -7.12
C7 DHT B . 1.76 0.87 -8.46
C8 DHT B . 3.11 0.16 -8.29
C9 DHT B . 4.18 1.16 -7.82
C10 DHT B . 3.76 1.83 -6.50
C11 DHT B . 5.63 0.61 -7.79
C12 DHT B . 6.08 -0.08 -9.09
C13 DHT B . 5.03 -1.09 -9.53
C14 DHT B . 3.61 -0.48 -9.59
C15 DHT B . 2.74 -1.53 -10.34
C16 DHT B . 3.76 -2.18 -11.31
C17 DHT B . 5.13 -1.55 -11.00
O17 DHT B . 6.26 -2.40 -11.30
C18 DHT B . 5.10 -2.31 -8.59
C19 DHT B . 3.76 0.74 -5.41
NAO MXD C . -19.11 4.76 -1.56
CAE MXD C . -19.71 3.63 -2.00
CAF MXD C . -19.60 2.48 -1.23
NAC MXD C . -20.45 3.60 -3.22
OAN MXD C . -20.54 4.63 -3.93
CAA MXD C . -21.03 2.41 -3.59
NAM MXD C . -21.74 2.32 -4.74
NAB MXD C . -20.89 1.29 -2.82
CAD MXD C . -20.19 1.28 -1.65
NAI MXD C . -20.08 0.12 -0.80
CAG MXD C . -18.87 0.14 0.06
CAK MXD C . -20.20 -1.19 -1.46
CAL MXD C . -20.43 -2.26 -0.36
CAJ MXD C . -20.31 -1.71 1.07
CAH MXD C . -19.10 -0.78 1.27
#